data_6IL9
#
_entry.id   6IL9
#
_cell.length_a   147.148
_cell.length_b   52.350
_cell.length_c   73.997
_cell.angle_alpha   90.000
_cell.angle_beta   103.405
_cell.angle_gamma   90.000
#
_symmetry.space_group_name_H-M   'C 1 2 1'
#
loop_
_entity.id
_entity.type
_entity.pdbx_description
1 polymer 'Fructuronate-tagaturonate epimerase UxaE from Cohnella laeviribosi in complex with 1 glycerol'
2 non-polymer GLYCEROL
3 non-polymer 'ZINC ION'
4 water water
#
_entity_poly.entity_id   1
_entity_poly.type   'polypeptide(L)'
_entity_poly.pdbx_seq_one_letter_code
;SMKAQSIIERLAAGQVHVYPRSRHESEGTRVQMIKAEGRKYLVAEGSGKLYDELRGEEADGVKLCELSHENRLVLNRHFP
FTVPQAFGKQSATIGLGDRLGIAGPGHVQTVRGRAIHPILAQQSIRELALTGRDYKQVIDAAAYAVFQEGYTEGYGADGD
HLKKEEDIRMALDLGFTMLTLDCSEQIDNEAAQAGESEVKRKYEELPESVRSHYEAKYLDKTFQVGPHAIHFDAATLMRD
VLVYREAIQFMIYIYEKYIQTAGRAVDFEISIDETLTPTAPGSHFLVASELIGKNVDIFSMAPRFIGEFQKGIDYIGDIA
QFERELAVHAAIADRFGYKLSIHSG(SEP)DKFSVFALVGRYTNGRFHVKTAGTNWLEAVRIVAKTNPGLYRRMHQYALE
HFEEATAYYHVTTNLNNIRPLADVSDEELPSYMNENDARQLLHITYGLLLQAKKDDGSSLFRDEFFRTLSEREEDYEAAL
RSHIGKHLDLLGVK
;
_entity_poly.pdbx_strand_id   A
#
loop_
_chem_comp.id
_chem_comp.type
_chem_comp.name
_chem_comp.formula
GOL non-polymer GLYCEROL 'C3 H8 O3'
ZN non-polymer 'ZINC ION' 'Zn 2'
#
# COMPACT_ATOMS: atom_id res chain seq x y z
N SER A 1 7.09 -27.11 25.57
CA SER A 1 6.39 -28.36 25.29
C SER A 1 5.24 -28.58 26.26
N MET A 2 5.44 -28.23 27.54
CA MET A 2 4.30 -28.20 28.45
C MET A 2 3.35 -27.08 28.06
N LYS A 3 3.88 -25.99 27.51
CA LYS A 3 3.03 -24.94 26.95
C LYS A 3 2.22 -25.48 25.79
N ALA A 4 2.87 -26.23 24.89
CA ALA A 4 2.17 -26.79 23.74
C ALA A 4 1.17 -27.85 24.17
N GLN A 5 1.57 -28.70 25.13
CA GLN A 5 0.65 -29.72 25.63
C GLN A 5 -0.59 -29.09 26.26
N SER A 6 -0.42 -27.99 26.99
CA SER A 6 -1.58 -27.31 27.59
C SER A 6 -2.55 -26.84 26.52
N ILE A 7 -2.02 -26.15 25.50
CA ILE A 7 -2.87 -25.61 24.43
C ILE A 7 -3.60 -26.74 23.72
N ILE A 8 -2.88 -27.81 23.36
CA ILE A 8 -3.48 -28.92 22.63
C ILE A 8 -4.58 -29.57 23.45
N GLU A 9 -4.35 -29.75 24.76
CA GLU A 9 -5.36 -30.37 25.60
C GLU A 9 -6.58 -29.48 25.74
N ARG A 10 -6.37 -28.17 25.93
CA ARG A 10 -7.51 -27.25 26.02
C ARG A 10 -8.25 -27.14 24.70
N LEU A 11 -7.55 -27.26 23.58
CA LEU A 11 -8.22 -27.30 22.28
C LEU A 11 -9.15 -28.50 22.19
N ALA A 12 -8.65 -29.67 22.62
CA ALA A 12 -9.50 -30.87 22.65
C ALA A 12 -10.73 -30.66 23.53
N ALA A 13 -10.57 -29.93 24.63
CA ALA A 13 -11.67 -29.66 25.55
C ALA A 13 -12.58 -28.54 25.09
N GLY A 14 -12.31 -27.93 23.93
CA GLY A 14 -13.17 -26.88 23.45
C GLY A 14 -12.97 -25.53 24.12
N GLN A 15 -11.80 -25.29 24.71
CA GLN A 15 -11.54 -24.08 25.47
C GLN A 15 -10.60 -23.11 24.75
N VAL A 16 -10.31 -23.36 23.47
CA VAL A 16 -9.39 -22.54 22.69
C VAL A 16 -10.12 -21.99 21.48
N HIS A 17 -9.91 -20.72 21.18
CA HIS A 17 -10.55 -20.10 20.02
C HIS A 17 -10.04 -20.70 18.71
N VAL A 18 -10.96 -21.17 17.88
CA VAL A 18 -10.66 -21.69 16.55
C VAL A 18 -11.22 -20.71 15.54
N TYR A 19 -10.40 -20.36 14.55
CA TYR A 19 -10.89 -19.48 13.50
C TYR A 19 -11.71 -20.31 12.53
N PRO A 20 -13.02 -20.06 12.41
CA PRO A 20 -13.89 -21.06 11.78
C PRO A 20 -13.63 -21.24 10.30
N ARG A 21 -13.15 -20.20 9.61
CA ARG A 21 -12.88 -20.31 8.19
C ARG A 21 -11.48 -20.82 7.88
N SER A 22 -10.70 -21.21 8.90
CA SER A 22 -9.31 -21.58 8.70
C SER A 22 -9.09 -23.08 8.47
N ARG A 23 -10.14 -23.88 8.47
CA ARG A 23 -9.99 -25.32 8.33
C ARG A 23 -9.69 -25.67 6.88
N HIS A 24 -8.53 -26.28 6.64
CA HIS A 24 -8.13 -26.71 5.31
C HIS A 24 -7.54 -28.10 5.39
N GLU A 25 -7.31 -28.71 4.23
CA GLU A 25 -6.88 -30.10 4.17
C GLU A 25 -6.00 -30.30 2.95
N SER A 26 -4.89 -31.01 3.12
CA SER A 26 -4.01 -31.39 2.02
C SER A 26 -3.64 -32.85 2.20
N GLU A 27 -4.16 -33.70 1.31
CA GLU A 27 -3.98 -35.16 1.39
C GLU A 27 -4.56 -35.59 2.74
N GLY A 28 -3.83 -36.35 3.55
CA GLY A 28 -4.38 -36.81 4.81
C GLY A 28 -4.18 -35.89 6.00
N THR A 29 -3.70 -34.67 5.79
CA THR A 29 -3.41 -33.75 6.88
C THR A 29 -4.46 -32.65 6.94
N ARG A 30 -5.07 -32.48 8.11
CA ARG A 30 -5.99 -31.39 8.39
C ARG A 30 -5.25 -30.29 9.13
N VAL A 31 -5.52 -29.03 8.77
CA VAL A 31 -4.87 -27.90 9.41
C VAL A 31 -5.92 -26.84 9.71
N GLN A 32 -5.77 -26.17 10.86
CA GLN A 32 -6.61 -25.05 11.22
C GLN A 32 -5.77 -24.04 11.98
N MET A 33 -6.31 -22.85 12.18
CA MET A 33 -5.66 -21.80 12.96
C MET A 33 -6.44 -21.55 14.24
N ILE A 34 -5.71 -21.29 15.32
CA ILE A 34 -6.28 -21.05 16.64
C ILE A 34 -5.61 -19.82 17.23
N LYS A 35 -6.16 -19.36 18.35
CA LYS A 35 -5.50 -18.33 19.14
C LYS A 35 -5.51 -18.76 20.60
N ALA A 36 -4.33 -18.77 21.22
CA ALA A 36 -4.21 -19.12 22.62
C ALA A 36 -3.21 -18.20 23.31
N GLU A 37 -3.60 -17.66 24.47
CA GLU A 37 -2.73 -16.80 25.28
C GLU A 37 -2.17 -15.66 24.45
N GLY A 38 -3.03 -15.03 23.66
CA GLY A 38 -2.67 -13.85 22.89
C GLY A 38 -1.85 -14.10 21.66
N ARG A 39 -1.66 -15.36 21.26
CA ARG A 39 -0.86 -15.68 20.09
C ARG A 39 -1.60 -16.65 19.19
N LYS A 40 -1.46 -16.48 17.88
CA LYS A 40 -2.04 -17.40 16.91
C LYS A 40 -1.11 -18.58 16.63
N TYR A 41 -1.71 -19.72 16.27
CA TYR A 41 -0.97 -20.93 15.92
C TYR A 41 -1.69 -21.68 14.80
N LEU A 42 -0.92 -22.49 14.06
CA LEU A 42 -1.46 -23.54 13.23
C LEU A 42 -1.52 -24.83 14.04
N VAL A 43 -2.58 -25.61 13.82
CA VAL A 43 -2.73 -26.94 14.41
C VAL A 43 -2.93 -27.93 13.28
N ALA A 44 -2.02 -28.89 13.17
CA ALA A 44 -2.07 -29.91 12.13
C ALA A 44 -2.36 -31.28 12.74
N GLU A 45 -3.08 -32.12 12.00
CA GLU A 45 -3.41 -33.46 12.46
C GLU A 45 -3.71 -34.34 11.25
N GLY A 46 -3.29 -35.60 11.33
CA GLY A 46 -3.44 -36.51 10.20
C GLY A 46 -2.14 -36.70 9.45
N SER A 47 -1.72 -37.95 9.27
CA SER A 47 -0.44 -38.21 8.65
C SER A 47 -0.43 -37.72 7.21
N GLY A 48 0.71 -37.19 6.78
CA GLY A 48 0.84 -36.69 5.43
C GLY A 48 2.04 -35.78 5.29
N LYS A 49 2.36 -35.47 4.03
CA LYS A 49 3.53 -34.63 3.77
C LYS A 49 3.35 -33.23 4.35
N LEU A 50 2.11 -32.73 4.39
CA LEU A 50 1.88 -31.43 5.02
C LEU A 50 2.20 -31.49 6.50
N TYR A 51 1.71 -32.52 7.19
CA TYR A 51 2.03 -32.68 8.63
C TYR A 51 3.53 -32.77 8.84
N ASP A 52 4.24 -33.51 7.97
CA ASP A 52 5.67 -33.73 8.19
C ASP A 52 6.47 -32.47 7.97
N GLU A 53 6.06 -31.63 7.02
CA GLU A 53 6.85 -30.47 6.63
C GLU A 53 6.65 -29.29 7.56
N LEU A 54 5.48 -29.16 8.16
CA LEU A 54 5.27 -28.12 9.17
C LEU A 54 6.18 -28.35 10.37
N ARG A 55 6.72 -27.27 10.90
CA ARG A 55 7.56 -27.30 12.08
C ARG A 55 6.72 -26.89 13.29
N GLY A 56 6.67 -27.75 14.29
CA GLY A 56 5.93 -27.44 15.50
C GLY A 56 6.18 -28.47 16.57
N GLU A 57 5.43 -28.36 17.66
CA GLU A 57 5.50 -29.30 18.76
C GLU A 57 4.34 -30.28 18.69
N GLU A 58 4.64 -31.56 18.94
CA GLU A 58 3.70 -32.65 18.74
C GLU A 58 3.27 -33.24 20.08
N ALA A 59 1.96 -33.41 20.25
CA ALA A 59 1.38 -34.09 21.40
C ALA A 59 0.03 -34.65 20.99
N ASP A 60 -0.28 -35.85 21.46
CA ASP A 60 -1.28 -36.72 20.81
C ASP A 60 -0.74 -37.00 19.40
N GLY A 61 -1.57 -36.94 18.37
CA GLY A 61 -1.08 -36.92 17.01
C GLY A 61 -1.28 -35.55 16.40
N VAL A 62 -1.02 -34.52 17.21
CA VAL A 62 -1.35 -33.14 16.88
C VAL A 62 -0.08 -32.31 16.94
N LYS A 63 0.13 -31.45 15.95
CA LYS A 63 1.30 -30.59 15.87
C LYS A 63 0.85 -29.14 16.00
N LEU A 64 1.44 -28.43 16.97
CA LEU A 64 1.18 -27.02 17.22
C LEU A 64 2.32 -26.19 16.65
N CYS A 65 2.00 -25.29 15.72
CA CYS A 65 3.01 -24.60 14.93
C CYS A 65 2.87 -23.09 15.05
N GLU A 66 4.00 -22.42 15.19
CA GLU A 66 4.03 -20.96 15.16
C GLU A 66 3.81 -20.47 13.73
N LEU A 67 3.31 -19.23 13.63
CA LEU A 67 3.10 -18.61 12.32
C LEU A 67 4.42 -18.06 11.78
N SER A 68 5.36 -18.97 11.52
CA SER A 68 6.70 -18.60 11.12
C SER A 68 6.80 -18.44 9.60
N HIS A 69 7.88 -17.80 9.16
CA HIS A 69 8.11 -17.70 7.73
C HIS A 69 8.25 -19.07 7.09
N GLU A 70 9.00 -19.98 7.73
CA GLU A 70 9.21 -21.29 7.12
C GLU A 70 7.90 -22.05 6.97
N ASN A 71 7.01 -21.94 7.97
CA ASN A 71 5.72 -22.62 7.87
C ASN A 71 4.83 -21.96 6.82
N ARG A 72 5.02 -20.65 6.58
CA ARG A 72 4.29 -20.01 5.49
C ARG A 72 4.71 -20.58 4.15
N LEU A 73 5.99 -20.87 3.98
CA LEU A 73 6.45 -21.46 2.71
C LEU A 73 5.87 -22.86 2.53
N VAL A 74 5.73 -23.60 3.62
CA VAL A 74 5.08 -24.91 3.56
C VAL A 74 3.63 -24.75 3.12
N LEU A 75 2.91 -23.78 3.72
CA LEU A 75 1.53 -23.56 3.31
C LEU A 75 1.45 -23.14 1.85
N ASN A 76 2.41 -22.33 1.39
CA ASN A 76 2.45 -21.93 -0.02
C ASN A 76 2.52 -23.14 -0.94
N ARG A 77 3.29 -24.16 -0.55
CA ARG A 77 3.45 -25.32 -1.42
C ARG A 77 2.17 -26.14 -1.52
N HIS A 78 1.42 -26.25 -0.43
CA HIS A 78 0.24 -27.10 -0.40
C HIS A 78 -1.07 -26.37 -0.67
N PHE A 79 -1.07 -25.03 -0.57
CA PHE A 79 -2.29 -24.24 -0.74
C PHE A 79 -1.97 -23.06 -1.65
N PRO A 80 -2.11 -23.23 -2.96
CA PRO A 80 -1.73 -22.15 -3.89
C PRO A 80 -2.45 -20.83 -3.64
N PHE A 81 -3.66 -20.83 -3.08
CA PHE A 81 -4.34 -19.56 -2.85
C PHE A 81 -3.61 -18.68 -1.83
N THR A 82 -2.66 -19.24 -1.07
CA THR A 82 -1.86 -18.45 -0.14
C THR A 82 -0.64 -17.79 -0.78
N VAL A 83 -0.44 -17.99 -2.08
CA VAL A 83 0.68 -17.43 -2.82
C VAL A 83 0.20 -16.18 -3.54
N PRO A 84 0.91 -15.05 -3.46
CA PRO A 84 0.46 -13.85 -4.16
C PRO A 84 0.35 -14.09 -5.65
N GLN A 85 -0.60 -13.40 -6.29
CA GLN A 85 -0.78 -13.47 -7.74
C GLN A 85 -0.93 -12.08 -8.34
N ALA A 86 -0.49 -11.95 -9.58
CA ALA A 86 -0.76 -10.75 -10.35
C ALA A 86 -2.22 -10.76 -10.83
N PHE A 87 -2.73 -9.57 -11.18
CA PHE A 87 -4.13 -9.46 -11.56
C PHE A 87 -4.35 -8.90 -12.97
N GLY A 88 -3.35 -8.31 -13.59
CA GLY A 88 -3.58 -7.64 -14.86
C GLY A 88 -4.35 -6.34 -14.65
N LYS A 89 -4.70 -5.69 -15.75
CA LYS A 89 -5.11 -4.29 -15.67
C LYS A 89 -6.60 -4.05 -15.94
N GLN A 90 -7.43 -5.09 -15.97
CA GLN A 90 -8.85 -4.95 -16.31
C GLN A 90 -9.80 -5.22 -15.16
N SER A 91 -9.45 -4.76 -13.96
CA SER A 91 -10.29 -4.98 -12.80
C SER A 91 -9.96 -3.90 -11.77
N ALA A 92 -10.68 -3.92 -10.66
CA ALA A 92 -10.41 -3.00 -9.56
C ALA A 92 -9.47 -3.66 -8.55
N THR A 93 -8.53 -2.88 -8.03
CA THR A 93 -7.61 -3.35 -6.99
C THR A 93 -7.50 -2.29 -5.91
N ILE A 94 -7.30 -2.73 -4.67
CA ILE A 94 -7.05 -1.80 -3.58
C ILE A 94 -5.79 -2.25 -2.86
N GLY A 95 -4.88 -1.31 -2.61
CA GLY A 95 -3.68 -1.60 -1.86
C GLY A 95 -3.97 -1.45 -0.38
N LEU A 96 -3.74 -2.51 0.39
CA LEU A 96 -4.11 -2.54 1.80
C LEU A 96 -2.84 -2.71 2.61
N GLY A 97 -2.05 -1.63 2.66
CA GLY A 97 -0.78 -1.66 3.37
C GLY A 97 -0.97 -1.84 4.88
N ASP A 98 -0.07 -2.60 5.47
CA ASP A 98 -0.17 -2.98 6.88
C ASP A 98 1.21 -2.81 7.50
N ARG A 99 1.39 -1.73 8.25
CA ARG A 99 2.63 -1.40 8.93
C ARG A 99 2.88 -2.27 10.15
N LEU A 100 1.85 -2.99 10.60
CA LEU A 100 1.88 -3.71 11.86
C LEU A 100 1.89 -5.21 11.69
N GLY A 101 1.36 -5.73 10.58
CA GLY A 101 1.24 -7.16 10.42
C GLY A 101 0.02 -7.80 11.05
N ILE A 102 -0.95 -7.01 11.52
CA ILE A 102 -2.13 -7.54 12.19
C ILE A 102 -3.44 -7.14 11.50
N ALA A 103 -3.38 -6.44 10.38
CA ALA A 103 -4.61 -5.97 9.73
C ALA A 103 -5.12 -6.89 8.62
N GLY A 104 -4.36 -7.92 8.28
CA GLY A 104 -4.71 -8.79 7.19
C GLY A 104 -6.12 -9.35 7.25
N PRO A 105 -6.48 -10.00 8.37
CA PRO A 105 -7.83 -10.60 8.44
C PRO A 105 -8.95 -9.61 8.28
N GLY A 106 -8.87 -8.47 8.99
CA GLY A 106 -9.86 -7.43 8.80
C GLY A 106 -9.94 -6.95 7.37
N HIS A 107 -8.78 -6.82 6.71
CA HIS A 107 -8.75 -6.42 5.30
C HIS A 107 -9.46 -7.44 4.43
N VAL A 108 -9.18 -8.73 4.66
CA VAL A 108 -9.85 -9.79 3.91
C VAL A 108 -11.36 -9.76 4.15
N GLN A 109 -11.77 -9.62 5.41
CA GLN A 109 -13.20 -9.53 5.73
C GLN A 109 -13.88 -8.40 4.99
N THR A 110 -13.15 -7.31 4.73
CA THR A 110 -13.72 -6.15 4.05
C THR A 110 -13.94 -6.40 2.55
N VAL A 111 -12.97 -7.05 1.88
CA VAL A 111 -13.12 -7.25 0.45
C VAL A 111 -13.93 -8.50 0.11
N ARG A 112 -14.12 -9.41 1.06
CA ARG A 112 -14.95 -10.58 0.83
C ARG A 112 -16.33 -10.16 0.33
N GLY A 113 -16.75 -10.73 -0.80
CA GLY A 113 -18.05 -10.42 -1.34
C GLY A 113 -18.14 -9.11 -2.11
N ARG A 114 -17.01 -8.48 -2.41
CA ARG A 114 -16.96 -7.25 -3.18
C ARG A 114 -16.13 -7.48 -4.44
N ALA A 115 -16.46 -6.74 -5.51
CA ALA A 115 -15.79 -6.93 -6.79
C ALA A 115 -14.51 -6.09 -6.82
N ILE A 116 -13.55 -6.51 -6.01
CA ILE A 116 -12.25 -5.84 -5.98
C ILE A 116 -11.23 -6.86 -5.49
N HIS A 117 -10.01 -6.78 -6.02
CA HIS A 117 -8.94 -7.70 -5.64
C HIS A 117 -8.03 -7.01 -4.66
N PRO A 118 -7.67 -7.66 -3.55
CA PRO A 118 -6.82 -7.01 -2.55
C PRO A 118 -5.34 -7.18 -2.80
N ILE A 119 -4.58 -6.09 -2.76
CA ILE A 119 -3.14 -6.13 -2.65
C ILE A 119 -2.85 -6.11 -1.15
N LEU A 120 -2.82 -7.30 -0.54
CA LEU A 120 -2.81 -7.38 0.92
C LEU A 120 -1.42 -7.17 1.50
N ALA A 121 -0.38 -7.43 0.73
CA ALA A 121 1.00 -7.22 1.13
C ALA A 121 1.50 -6.00 0.38
N GLN A 122 1.67 -4.90 1.10
CA GLN A 122 2.13 -3.67 0.44
C GLN A 122 2.83 -2.82 1.49
N GLN A 123 4.15 -2.64 1.34
CA GLN A 123 4.90 -1.74 2.20
C GLN A 123 6.02 -1.12 1.38
N SER A 124 6.37 0.11 1.72
CA SER A 124 7.48 0.80 1.07
C SER A 124 8.78 0.48 1.77
N ILE A 125 9.88 0.76 1.06
CA ILE A 125 11.22 0.59 1.63
C ILE A 125 11.37 1.44 2.89
N ARG A 126 10.85 2.68 2.85
CA ARG A 126 10.90 3.53 4.03
C ARG A 126 10.09 2.95 5.18
N GLU A 127 8.89 2.42 4.89
CA GLU A 127 8.09 1.81 5.94
C GLU A 127 8.80 0.63 6.59
N LEU A 128 9.47 -0.20 5.78
CA LEU A 128 10.25 -1.30 6.36
C LEU A 128 11.35 -0.75 7.27
N ALA A 129 12.05 0.29 6.83
CA ALA A 129 13.15 0.85 7.61
C ALA A 129 12.66 1.47 8.91
N LEU A 130 11.52 2.16 8.87
CA LEU A 130 11.00 2.82 10.06
C LEU A 130 10.34 1.87 11.04
N THR A 131 9.91 0.69 10.59
CA THR A 131 9.29 -0.30 11.45
C THR A 131 10.23 -1.43 11.82
N GLY A 132 11.39 -1.54 11.17
CA GLY A 132 12.27 -2.66 11.42
C GLY A 132 11.77 -3.98 10.90
N ARG A 133 10.95 -3.97 9.86
CA ARG A 133 10.40 -5.19 9.28
C ARG A 133 11.07 -5.46 7.94
N ASP A 134 10.84 -6.67 7.41
CA ASP A 134 11.34 -7.02 6.09
C ASP A 134 10.19 -7.52 5.24
N TYR A 135 10.46 -7.66 3.94
CA TYR A 135 9.40 -8.02 3.00
C TYR A 135 8.87 -9.43 3.23
N LYS A 136 9.70 -10.35 3.72
CA LYS A 136 9.19 -11.68 4.01
C LYS A 136 8.04 -11.63 5.00
N GLN A 137 8.17 -10.80 6.05
CA GLN A 137 7.10 -10.69 7.04
C GLN A 137 5.83 -10.09 6.45
N VAL A 138 5.98 -9.15 5.51
CA VAL A 138 4.80 -8.52 4.92
C VAL A 138 3.98 -9.55 4.14
N ILE A 139 4.64 -10.37 3.31
CA ILE A 139 3.93 -11.42 2.61
C ILE A 139 3.45 -12.50 3.59
N ASP A 140 4.27 -12.82 4.61
CA ASP A 140 3.82 -13.78 5.64
C ASP A 140 2.45 -13.39 6.17
N ALA A 141 2.31 -12.12 6.58
CA ALA A 141 1.07 -11.68 7.21
C ALA A 141 -0.10 -11.81 6.25
N ALA A 142 0.10 -11.47 4.97
CA ALA A 142 -0.98 -11.59 3.99
C ALA A 142 -1.34 -13.05 3.73
N ALA A 143 -0.35 -13.93 3.61
CA ALA A 143 -0.64 -15.34 3.34
C ALA A 143 -1.39 -15.98 4.50
N TYR A 144 -0.98 -15.68 5.73
CA TYR A 144 -1.67 -16.24 6.87
C TYR A 144 -3.07 -15.66 7.00
N ALA A 145 -3.26 -14.41 6.57
CA ALA A 145 -4.57 -13.78 6.63
C ALA A 145 -5.56 -14.48 5.71
N VAL A 146 -5.17 -14.76 4.46
CA VAL A 146 -6.14 -15.39 3.58
C VAL A 146 -6.39 -16.83 4.02
N PHE A 147 -5.40 -17.48 4.63
CA PHE A 147 -5.62 -18.81 5.17
C PHE A 147 -6.59 -18.78 6.35
N GLN A 148 -6.37 -17.85 7.28
CA GLN A 148 -7.26 -17.71 8.43
C GLN A 148 -8.70 -17.49 8.01
N GLU A 149 -8.93 -16.68 6.98
CA GLU A 149 -10.27 -16.31 6.54
C GLU A 149 -10.79 -17.18 5.42
N GLY A 150 -10.03 -18.17 4.98
CA GLY A 150 -10.47 -19.04 3.91
C GLY A 150 -10.81 -18.28 2.65
N TYR A 151 -9.99 -17.28 2.32
CA TYR A 151 -10.22 -16.43 1.15
C TYR A 151 -9.36 -16.94 0.02
N THR A 152 -10.00 -17.61 -0.95
CA THR A 152 -9.28 -18.30 -2.01
C THR A 152 -9.30 -17.55 -3.32
N GLU A 153 -9.88 -16.34 -3.37
CA GLU A 153 -10.02 -15.60 -4.61
C GLU A 153 -8.72 -15.00 -5.11
N GLY A 154 -7.69 -14.93 -4.29
CA GLY A 154 -6.40 -14.41 -4.72
C GLY A 154 -6.09 -13.05 -4.14
N TYR A 155 -4.83 -12.85 -3.77
CA TYR A 155 -4.36 -11.55 -3.27
C TYR A 155 -3.03 -11.23 -3.92
N GLY A 156 -2.71 -9.94 -3.96
CA GLY A 156 -1.46 -9.47 -4.53
C GLY A 156 -0.47 -8.95 -3.52
N ALA A 157 0.79 -8.80 -3.95
CA ALA A 157 1.87 -8.30 -3.11
C ALA A 157 2.65 -7.25 -3.90
N ASP A 158 2.73 -6.04 -3.35
CA ASP A 158 3.26 -4.86 -4.03
C ASP A 158 4.56 -4.43 -3.36
N GLY A 159 5.64 -4.40 -4.13
CA GLY A 159 6.86 -3.77 -3.71
C GLY A 159 6.73 -2.29 -3.98
N ASP A 160 6.32 -1.54 -2.96
CA ASP A 160 5.86 -0.18 -3.13
C ASP A 160 7.03 0.79 -3.10
N HIS A 161 6.98 1.81 -3.97
CA HIS A 161 7.95 2.91 -3.96
C HIS A 161 9.39 2.42 -4.08
N LEU A 162 9.62 1.48 -5.00
CA LEU A 162 10.98 1.00 -5.24
C LEU A 162 11.75 1.98 -6.12
N LYS A 163 13.02 2.20 -5.75
CA LYS A 163 13.91 3.13 -6.43
C LYS A 163 15.23 2.47 -6.85
N LYS A 164 15.74 1.56 -6.05
CA LYS A 164 17.08 1.00 -6.26
C LYS A 164 16.96 -0.38 -6.87
N GLU A 165 17.87 -0.69 -7.80
CA GLU A 165 17.81 -1.96 -8.51
C GLU A 165 17.90 -3.14 -7.56
N GLU A 166 18.71 -3.01 -6.49
CA GLU A 166 18.82 -4.08 -5.51
C GLU A 166 17.47 -4.41 -4.88
N ASP A 167 16.67 -3.38 -4.60
CA ASP A 167 15.36 -3.57 -4.01
C ASP A 167 14.37 -4.18 -5.00
N ILE A 168 14.47 -3.81 -6.28
CA ILE A 168 13.65 -4.43 -7.31
C ILE A 168 13.98 -5.90 -7.45
N ARG A 169 15.28 -6.24 -7.46
CA ARG A 169 15.69 -7.63 -7.51
C ARG A 169 15.17 -8.41 -6.30
N MET A 170 15.25 -7.80 -5.11
CA MET A 170 14.78 -8.45 -3.89
C MET A 170 13.28 -8.72 -3.98
N ALA A 171 12.51 -7.70 -4.38
CA ALA A 171 11.07 -7.87 -4.50
C ALA A 171 10.73 -9.02 -5.44
N LEU A 172 11.40 -9.11 -6.59
CA LEU A 172 11.09 -10.19 -7.51
C LEU A 172 11.49 -11.54 -6.92
N ASP A 173 12.64 -11.59 -6.25
CA ASP A 173 13.12 -12.83 -5.65
C ASP A 173 12.19 -13.34 -4.56
N LEU A 174 11.52 -12.43 -3.86
CA LEU A 174 10.67 -12.78 -2.74
C LEU A 174 9.22 -13.07 -3.15
N GLY A 175 8.89 -13.00 -4.44
CA GLY A 175 7.59 -13.39 -4.91
C GLY A 175 6.58 -12.28 -5.06
N PHE A 176 7.02 -11.02 -5.01
CA PHE A 176 6.08 -9.93 -5.19
C PHE A 176 5.52 -9.96 -6.61
N THR A 177 4.24 -9.61 -6.72
CA THR A 177 3.51 -9.71 -7.99
C THR A 177 3.20 -8.35 -8.59
N MET A 178 3.41 -7.29 -7.82
CA MET A 178 3.23 -5.92 -8.26
C MET A 178 4.51 -5.18 -7.91
N LEU A 179 5.06 -4.44 -8.86
CA LEU A 179 6.29 -3.68 -8.62
C LEU A 179 6.02 -2.21 -8.93
N THR A 180 6.17 -1.35 -7.92
CA THR A 180 5.94 0.08 -8.07
C THR A 180 7.27 0.78 -8.24
N LEU A 181 7.48 1.39 -9.41
CA LEU A 181 8.73 2.10 -9.71
C LEU A 181 8.55 3.57 -9.41
N ASP A 182 9.20 4.03 -8.35
CA ASP A 182 9.26 5.44 -8.00
C ASP A 182 10.25 6.13 -8.94
N CYS A 183 9.74 7.02 -9.79
CA CYS A 183 10.55 7.75 -10.76
C CYS A 183 10.72 9.22 -10.37
N SER A 184 10.45 9.56 -9.10
CA SER A 184 10.49 10.95 -8.68
C SER A 184 11.90 11.52 -8.74
N GLU A 185 12.92 10.71 -8.49
CA GLU A 185 14.29 11.23 -8.49
C GLU A 185 14.80 11.53 -9.89
N GLN A 186 14.20 10.96 -10.92
CA GLN A 186 14.62 11.24 -12.29
C GLN A 186 13.88 12.44 -12.88
N ILE A 187 12.80 12.89 -12.27
CA ILE A 187 12.05 14.02 -12.77
C ILE A 187 12.88 15.29 -12.62
N ASP A 188 12.90 16.12 -13.66
CA ASP A 188 13.63 17.38 -13.60
C ASP A 188 12.67 18.48 -13.16
N ASN A 189 12.59 18.68 -11.85
CA ASN A 189 11.62 19.63 -11.31
C ASN A 189 12.01 21.07 -11.59
N GLU A 190 13.30 21.38 -11.64
CA GLU A 190 13.70 22.75 -11.94
C GLU A 190 13.33 23.12 -13.37
N ALA A 191 13.40 22.15 -14.29
CA ALA A 191 12.91 22.38 -15.65
C ALA A 191 11.41 22.65 -15.67
N ALA A 192 10.66 22.10 -14.71
CA ALA A 192 9.22 22.35 -14.69
C ALA A 192 8.91 23.77 -14.22
N GLN A 193 9.77 24.35 -13.38
CA GLN A 193 9.56 25.68 -12.83
C GLN A 193 10.29 26.78 -13.59
N ALA A 194 11.22 26.42 -14.47
CA ALA A 194 12.08 27.41 -15.10
C ALA A 194 11.30 28.26 -16.11
N GLY A 195 11.88 29.40 -16.46
CA GLY A 195 11.33 30.23 -17.52
C GLY A 195 11.41 29.56 -18.88
N GLU A 196 10.69 30.14 -19.83
CA GLU A 196 10.36 29.44 -21.07
C GLU A 196 11.45 29.59 -22.15
N SER A 197 12.24 30.68 -22.11
CA SER A 197 13.42 30.72 -22.97
C SER A 197 14.51 29.79 -22.44
N GLU A 198 14.64 29.68 -21.12
CA GLU A 198 15.58 28.73 -20.53
C GLU A 198 15.20 27.28 -20.85
N VAL A 199 13.90 26.98 -20.87
CA VAL A 199 13.46 25.67 -21.35
C VAL A 199 13.98 25.44 -22.76
N LYS A 200 13.72 26.39 -23.65
CA LYS A 200 14.22 26.31 -25.02
C LYS A 200 15.75 26.15 -25.05
N ARG A 201 16.46 26.75 -24.09
CA ARG A 201 17.92 26.66 -24.09
C ARG A 201 18.40 25.30 -23.64
N LYS A 202 17.87 24.81 -22.51
CA LYS A 202 18.22 23.47 -22.06
C LYS A 202 17.77 22.42 -23.07
N TYR A 203 16.62 22.65 -23.70
CA TYR A 203 16.14 21.73 -24.73
C TYR A 203 17.12 21.63 -25.90
N GLU A 204 17.74 22.76 -26.27
CA GLU A 204 18.62 22.75 -27.43
C GLU A 204 19.95 22.05 -27.16
N GLU A 205 20.30 21.80 -25.90
CA GLU A 205 21.48 21.00 -25.58
C GLU A 205 21.26 19.51 -25.79
N LEU A 206 20.02 19.08 -26.04
CA LEU A 206 19.74 17.67 -26.30
C LEU A 206 20.26 17.26 -27.68
N PRO A 207 20.57 15.97 -27.89
CA PRO A 207 21.00 15.53 -29.22
C PRO A 207 19.91 15.75 -30.26
N GLU A 208 20.34 16.02 -31.50
CA GLU A 208 19.35 16.27 -32.55
C GLU A 208 18.46 15.06 -32.79
N SER A 209 19.00 13.84 -32.68
CA SER A 209 18.19 12.65 -32.87
C SER A 209 17.02 12.60 -31.88
N VAL A 210 17.27 13.07 -30.65
CA VAL A 210 16.21 13.15 -29.63
C VAL A 210 15.19 14.21 -30.01
N ARG A 211 15.68 15.42 -30.34
CA ARG A 211 14.77 16.51 -30.67
C ARG A 211 13.97 16.18 -31.92
N SER A 212 14.58 15.48 -32.87
CA SER A 212 13.84 15.08 -34.07
C SER A 212 12.75 14.05 -33.74
N HIS A 213 13.08 13.07 -32.88
CA HIS A 213 12.09 12.06 -32.50
C HIS A 213 10.86 12.69 -31.88
N TYR A 214 11.06 13.60 -30.92
CA TYR A 214 9.91 14.19 -30.24
C TYR A 214 9.17 15.15 -31.14
N GLU A 215 9.88 15.94 -31.93
CA GLU A 215 9.20 16.93 -32.77
C GLU A 215 8.41 16.24 -33.87
N ALA A 216 8.97 15.19 -34.49
CA ALA A 216 8.27 14.49 -35.56
C ALA A 216 7.00 13.80 -35.05
N LYS A 217 6.97 13.45 -33.77
CA LYS A 217 5.84 12.72 -33.21
C LYS A 217 4.78 13.63 -32.58
N TYR A 218 5.17 14.76 -31.99
CA TYR A 218 4.26 15.59 -31.20
C TYR A 218 4.10 17.02 -31.67
N LEU A 219 5.11 17.63 -32.30
CA LEU A 219 5.11 19.07 -32.48
C LEU A 219 3.92 19.51 -33.35
N ASP A 220 3.15 20.47 -32.82
CA ASP A 220 2.01 21.05 -33.52
C ASP A 220 0.97 19.99 -33.91
N LYS A 221 0.94 18.88 -33.19
CA LYS A 221 0.01 17.80 -33.47
C LYS A 221 -1.10 17.80 -32.41
N THR A 222 -2.27 17.31 -32.81
CA THR A 222 -3.42 17.19 -31.92
C THR A 222 -3.83 15.73 -31.87
N PHE A 223 -3.95 15.19 -30.66
CA PHE A 223 -4.36 13.81 -30.46
C PHE A 223 -5.76 13.78 -29.86
N GLN A 224 -6.61 12.92 -30.40
CA GLN A 224 -7.99 12.80 -29.95
C GLN A 224 -8.02 11.65 -28.96
N VAL A 225 -8.17 11.99 -27.67
CA VAL A 225 -8.25 11.00 -26.61
C VAL A 225 -9.70 11.00 -26.12
N GLY A 226 -10.55 10.22 -26.79
CA GLY A 226 -11.98 10.36 -26.60
C GLY A 226 -12.41 11.77 -26.92
N PRO A 227 -13.23 12.35 -26.04
CA PRO A 227 -13.72 13.72 -26.27
C PRO A 227 -12.70 14.80 -26.00
N HIS A 228 -11.47 14.44 -25.67
CA HIS A 228 -10.44 15.39 -25.26
C HIS A 228 -9.41 15.53 -26.37
N ALA A 229 -9.11 16.76 -26.73
CA ALA A 229 -8.05 17.07 -27.68
C ALA A 229 -6.82 17.47 -26.90
N ILE A 230 -5.69 16.83 -27.19
CA ILE A 230 -4.42 17.12 -26.55
C ILE A 230 -3.48 17.63 -27.63
N HIS A 231 -3.05 18.87 -27.50
CA HIS A 231 -2.23 19.54 -28.51
C HIS A 231 -0.88 19.89 -27.92
N PHE A 232 0.17 19.70 -28.71
CA PHE A 232 1.53 20.05 -28.30
C PHE A 232 2.05 21.15 -29.22
N ASP A 233 2.31 22.32 -28.64
CA ASP A 233 3.11 23.33 -29.32
C ASP A 233 4.56 23.18 -28.86
N ALA A 234 5.45 23.99 -29.42
CA ALA A 234 6.87 23.82 -29.12
C ALA A 234 7.15 24.04 -27.63
N ALA A 235 6.54 25.07 -27.04
CA ALA A 235 6.85 25.41 -25.65
C ALA A 235 6.43 24.29 -24.70
N THR A 236 5.24 23.71 -24.90
CA THR A 236 4.81 22.63 -24.03
C THR A 236 5.63 21.36 -24.27
N LEU A 237 5.89 21.04 -25.55
CA LEU A 237 6.69 19.86 -25.88
C LEU A 237 8.08 19.94 -25.27
N MET A 238 8.76 21.08 -25.43
CA MET A 238 10.12 21.21 -24.90
C MET A 238 10.15 21.04 -23.39
N ARG A 239 9.22 21.68 -22.69
CA ARG A 239 9.19 21.52 -21.25
C ARG A 239 8.94 20.06 -20.87
N ASP A 240 7.96 19.42 -21.53
CA ASP A 240 7.65 18.02 -21.24
C ASP A 240 8.87 17.12 -21.43
N VAL A 241 9.61 17.31 -22.53
CA VAL A 241 10.80 16.49 -22.76
C VAL A 241 11.82 16.72 -21.65
N LEU A 242 12.05 17.97 -21.26
CA LEU A 242 13.04 18.25 -20.22
C LEU A 242 12.64 17.65 -18.88
N VAL A 243 11.34 17.73 -18.54
CA VAL A 243 10.91 17.28 -17.22
C VAL A 243 10.94 15.76 -17.12
N TYR A 244 10.57 15.06 -18.20
CA TYR A 244 10.22 13.65 -18.11
C TYR A 244 11.14 12.70 -18.86
N ARG A 245 12.00 13.17 -19.78
CA ARG A 245 12.73 12.24 -20.64
C ARG A 245 13.60 11.28 -19.84
N GLU A 246 14.34 11.80 -18.86
CA GLU A 246 15.22 10.93 -18.09
C GLU A 246 14.40 9.91 -17.30
N ALA A 247 13.23 10.32 -16.80
CA ALA A 247 12.36 9.37 -16.10
C ALA A 247 11.83 8.31 -17.05
N ILE A 248 11.46 8.70 -18.26
CA ILE A 248 10.98 7.75 -19.26
C ILE A 248 12.06 6.72 -19.57
N GLN A 249 13.29 7.20 -19.78
CA GLN A 249 14.39 6.28 -20.06
C GLN A 249 14.59 5.31 -18.91
N PHE A 250 14.40 5.78 -17.68
CA PHE A 250 14.54 4.93 -16.50
C PHE A 250 13.43 3.89 -16.44
N MET A 251 12.20 4.28 -16.75
CA MET A 251 11.10 3.33 -16.84
C MET A 251 11.41 2.22 -17.82
N ILE A 252 11.86 2.58 -19.03
CA ILE A 252 12.13 1.59 -20.05
C ILE A 252 13.25 0.65 -19.60
N TYR A 253 14.31 1.23 -19.03
CA TYR A 253 15.47 0.44 -18.61
C TYR A 253 15.08 -0.60 -17.57
N ILE A 254 14.30 -0.20 -16.58
CA ILE A 254 13.84 -1.14 -15.55
C ILE A 254 12.92 -2.19 -16.14
N TYR A 255 11.97 -1.76 -16.98
CA TYR A 255 11.06 -2.72 -17.59
C TYR A 255 11.83 -3.80 -18.35
N GLU A 256 12.80 -3.38 -19.17
CA GLU A 256 13.50 -4.35 -20.00
C GLU A 256 14.47 -5.20 -19.18
N LYS A 257 15.09 -4.62 -18.14
CA LYS A 257 16.08 -5.36 -17.36
C LYS A 257 15.42 -6.36 -16.41
N TYR A 258 14.29 -5.99 -15.81
CA TYR A 258 13.75 -6.73 -14.66
C TYR A 258 12.32 -7.24 -14.84
N ILE A 259 11.45 -6.51 -15.53
CA ILE A 259 10.04 -6.92 -15.62
C ILE A 259 9.82 -7.92 -16.75
N GLN A 260 10.23 -7.53 -17.97
CA GLN A 260 10.16 -8.41 -19.12
C GLN A 260 10.81 -9.76 -18.84
N THR A 261 11.89 -9.75 -18.06
CA THR A 261 12.70 -10.93 -17.79
C THR A 261 12.24 -11.73 -16.58
N ALA A 262 11.13 -11.37 -15.94
CA ALA A 262 10.82 -11.96 -14.64
C ALA A 262 10.44 -13.43 -14.72
N GLY A 263 10.03 -13.93 -15.89
CA GLY A 263 9.63 -15.33 -16.00
C GLY A 263 8.27 -15.65 -15.42
N ARG A 264 7.51 -14.66 -14.99
CA ARG A 264 6.17 -14.80 -14.46
C ARG A 264 5.47 -13.46 -14.63
N ALA A 265 4.15 -13.47 -14.47
CA ALA A 265 3.38 -12.24 -14.62
C ALA A 265 3.69 -11.27 -13.48
N VAL A 266 3.92 -10.00 -13.83
CA VAL A 266 4.22 -8.95 -12.86
C VAL A 266 3.42 -7.71 -13.26
N ASP A 267 2.72 -7.12 -12.31
CA ASP A 267 1.99 -5.88 -12.56
C ASP A 267 2.93 -4.72 -12.26
N PHE A 268 3.25 -3.94 -13.29
CA PHE A 268 4.27 -2.90 -13.22
C PHE A 268 3.57 -1.55 -13.08
N GLU A 269 3.74 -0.90 -11.92
CA GLU A 269 3.17 0.42 -11.68
C GLU A 269 4.25 1.47 -11.82
N ILE A 270 3.96 2.53 -12.56
CA ILE A 270 4.88 3.65 -12.68
C ILE A 270 4.38 4.76 -11.78
N SER A 271 5.23 5.20 -10.87
CA SER A 271 4.83 6.18 -9.85
C SER A 271 5.61 7.47 -10.07
N ILE A 272 4.87 8.56 -10.25
CA ILE A 272 5.46 9.89 -10.30
C ILE A 272 4.62 10.80 -9.42
N ASP A 273 4.06 10.25 -8.34
CA ASP A 273 3.13 10.99 -7.50
C ASP A 273 3.81 11.78 -6.40
N GLU A 274 5.09 11.52 -6.12
CA GLU A 274 5.86 12.30 -5.16
C GLU A 274 6.73 13.33 -5.85
N THR A 275 6.18 14.01 -6.84
CA THR A 275 6.82 15.10 -7.56
C THR A 275 6.38 16.43 -6.96
N LEU A 276 7.24 17.45 -7.08
CA LEU A 276 6.82 18.78 -6.65
C LEU A 276 5.86 19.42 -7.64
N THR A 277 6.00 19.11 -8.92
CA THR A 277 5.04 19.67 -9.87
C THR A 277 3.94 18.66 -10.16
N PRO A 278 2.69 19.10 -10.29
CA PRO A 278 1.61 18.17 -10.67
C PRO A 278 1.81 17.65 -12.08
N THR A 279 1.31 16.44 -12.32
CA THR A 279 1.41 15.86 -13.65
C THR A 279 0.30 16.41 -14.52
N ALA A 280 0.65 17.26 -15.49
CA ALA A 280 -0.33 17.74 -16.44
C ALA A 280 -0.86 16.58 -17.27
N PRO A 281 -2.16 16.55 -17.59
CA PRO A 281 -2.66 15.48 -18.47
C PRO A 281 -1.90 15.38 -19.79
N GLY A 282 -1.49 16.50 -20.37
CA GLY A 282 -0.72 16.43 -21.60
C GLY A 282 0.65 15.79 -21.42
N SER A 283 1.29 16.05 -20.28
CA SER A 283 2.56 15.38 -19.98
C SER A 283 2.35 13.89 -19.78
N HIS A 284 1.27 13.54 -19.07
CA HIS A 284 0.88 12.14 -18.90
C HIS A 284 0.75 11.42 -20.24
N PHE A 285 0.06 12.06 -21.20
CA PHE A 285 -0.06 11.48 -22.53
C PHE A 285 1.31 11.21 -23.15
N LEU A 286 2.22 12.18 -23.07
CA LEU A 286 3.52 12.00 -23.69
C LEU A 286 4.29 10.86 -23.04
N VAL A 287 4.30 10.79 -21.71
CA VAL A 287 5.00 9.71 -21.02
C VAL A 287 4.43 8.36 -21.44
N ALA A 288 3.11 8.23 -21.41
CA ALA A 288 2.48 6.95 -21.77
C ALA A 288 2.75 6.60 -23.22
N SER A 289 2.64 7.57 -24.12
CA SER A 289 2.85 7.31 -25.53
C SER A 289 4.26 6.80 -25.78
N GLU A 290 5.24 7.38 -25.10
CA GLU A 290 6.62 6.94 -25.29
C GLU A 290 6.83 5.53 -24.76
N LEU A 291 6.27 5.23 -23.59
CA LEU A 291 6.43 3.90 -23.02
C LEU A 291 5.73 2.86 -23.88
N ILE A 292 4.48 3.13 -24.26
CA ILE A 292 3.73 2.16 -25.03
C ILE A 292 4.41 1.94 -26.39
N GLY A 293 4.98 3.01 -26.95
CA GLY A 293 5.74 2.89 -28.19
C GLY A 293 6.96 1.98 -28.06
N LYS A 294 7.52 1.86 -26.84
CA LYS A 294 8.67 1.01 -26.61
C LYS A 294 8.28 -0.35 -26.05
N ASN A 295 7.01 -0.73 -26.16
CA ASN A 295 6.52 -2.06 -25.81
C ASN A 295 6.51 -2.32 -24.31
N VAL A 296 6.47 -1.27 -23.50
CA VAL A 296 6.42 -1.43 -22.06
C VAL A 296 5.01 -1.83 -21.64
N ASP A 297 4.91 -2.83 -20.77
CA ASP A 297 3.63 -3.38 -20.30
C ASP A 297 3.30 -2.74 -18.96
N ILE A 298 2.36 -1.82 -18.96
CA ILE A 298 2.05 -1.01 -17.77
C ILE A 298 0.78 -1.53 -17.13
N PHE A 299 0.83 -1.77 -15.81
CA PHE A 299 -0.38 -2.08 -15.04
C PHE A 299 -1.10 -0.79 -14.64
N SER A 300 -0.35 0.18 -14.15
CA SER A 300 -0.96 1.41 -13.67
C SER A 300 0.04 2.55 -13.73
N MET A 301 -0.50 3.77 -13.74
CA MET A 301 0.27 5.00 -13.69
C MET A 301 -0.25 5.82 -12.52
N ALA A 302 0.66 6.29 -11.67
CA ALA A 302 0.27 7.11 -10.53
C ALA A 302 0.76 8.52 -10.77
N PRO A 303 -0.05 9.41 -11.32
CA PRO A 303 0.39 10.79 -11.51
C PRO A 303 0.28 11.56 -10.21
N ARG A 304 0.87 12.74 -10.21
CA ARG A 304 0.61 13.72 -9.15
C ARG A 304 -0.54 14.58 -9.62
N PHE A 305 -1.68 14.46 -8.94
CA PHE A 305 -2.86 15.22 -9.32
C PHE A 305 -2.78 16.66 -8.84
N ILE A 306 -3.48 17.54 -9.56
CA ILE A 306 -3.63 18.92 -9.13
C ILE A 306 -4.19 18.95 -7.70
N GLY A 307 -3.69 19.89 -6.89
CA GLY A 307 -4.03 19.92 -5.48
C GLY A 307 -3.04 19.13 -4.63
N GLU A 308 -3.47 18.72 -3.43
CA GLU A 308 -2.60 17.96 -2.57
C GLU A 308 -3.31 16.73 -1.99
N PHE A 309 -2.56 15.62 -1.93
CA PHE A 309 -2.98 14.36 -1.33
C PHE A 309 -2.04 14.10 -0.17
N GLN A 310 -2.33 14.71 0.99
CA GLN A 310 -1.50 14.50 2.18
C GLN A 310 -2.01 13.31 2.97
N LYS A 311 -1.11 12.72 3.76
CA LYS A 311 -1.47 11.60 4.62
C LYS A 311 -2.53 12.01 5.64
N GLY A 312 -3.54 11.15 5.80
CA GLY A 312 -4.44 11.18 6.95
C GLY A 312 -5.69 12.00 6.76
N ILE A 313 -5.76 12.80 5.72
CA ILE A 313 -6.81 13.80 5.57
C ILE A 313 -7.42 13.69 4.17
N ASP A 314 -8.51 14.41 3.97
CA ASP A 314 -9.15 14.49 2.66
C ASP A 314 -8.39 15.46 1.74
N TYR A 315 -8.84 15.51 0.49
CA TYR A 315 -8.22 16.32 -0.57
C TYR A 315 -8.09 17.79 -0.18
N ILE A 316 -6.98 18.41 -0.60
CA ILE A 316 -6.78 19.86 -0.50
C ILE A 316 -6.79 20.43 -1.92
N GLY A 317 -7.68 21.39 -2.18
CA GLY A 317 -7.66 22.04 -3.47
C GLY A 317 -9.06 22.28 -3.97
N ASP A 318 -9.16 22.51 -5.28
CA ASP A 318 -10.41 22.84 -5.95
C ASP A 318 -10.88 21.57 -6.65
N ILE A 319 -11.94 20.96 -6.11
CA ILE A 319 -12.40 19.66 -6.57
C ILE A 319 -12.98 19.73 -7.97
N ALA A 320 -13.46 20.91 -8.39
CA ALA A 320 -13.90 21.05 -9.78
C ALA A 320 -12.73 20.95 -10.74
N GLN A 321 -11.60 21.57 -10.39
CA GLN A 321 -10.41 21.45 -11.23
C GLN A 321 -9.86 20.04 -11.17
N PHE A 322 -9.88 19.42 -9.99
CA PHE A 322 -9.47 18.02 -9.89
C PHE A 322 -10.29 17.16 -10.84
N GLU A 323 -11.61 17.40 -10.89
CA GLU A 323 -12.47 16.57 -11.74
C GLU A 323 -12.13 16.79 -13.22
N ARG A 324 -11.91 18.05 -13.62
CA ARG A 324 -11.62 18.31 -15.03
C ARG A 324 -10.35 17.61 -15.47
N GLU A 325 -9.31 17.63 -14.63
CA GLU A 325 -8.06 16.96 -14.97
C GLU A 325 -8.22 15.45 -14.88
N LEU A 326 -8.94 14.95 -13.88
CA LEU A 326 -9.18 13.51 -13.78
C LEU A 326 -9.85 12.98 -15.04
N ALA A 327 -10.77 13.74 -15.61
CA ALA A 327 -11.45 13.29 -16.82
C ALA A 327 -10.45 12.98 -17.93
N VAL A 328 -9.45 13.86 -18.12
CA VAL A 328 -8.46 13.64 -19.17
C VAL A 328 -7.50 12.52 -18.77
N HIS A 329 -7.02 12.54 -17.52
CA HIS A 329 -6.14 11.48 -17.03
C HIS A 329 -6.77 10.11 -17.24
N ALA A 330 -8.06 9.99 -16.90
CA ALA A 330 -8.75 8.71 -17.03
C ALA A 330 -8.89 8.31 -18.50
N ALA A 331 -9.12 9.29 -19.38
CA ALA A 331 -9.23 9.00 -20.80
C ALA A 331 -7.90 8.53 -21.37
N ILE A 332 -6.80 9.10 -20.91
CA ILE A 332 -5.47 8.67 -21.35
C ILE A 332 -5.21 7.23 -20.93
N ALA A 333 -5.51 6.91 -19.67
CA ALA A 333 -5.37 5.54 -19.20
C ALA A 333 -6.19 4.58 -20.05
N ASP A 334 -7.43 4.95 -20.39
CA ASP A 334 -8.27 4.08 -21.19
C ASP A 334 -7.69 3.89 -22.59
N ARG A 335 -7.16 4.97 -23.16
CA ARG A 335 -6.59 4.91 -24.50
C ARG A 335 -5.48 3.87 -24.57
N PHE A 336 -4.61 3.84 -23.56
CA PHE A 336 -3.42 3.00 -23.60
C PHE A 336 -3.56 1.69 -22.84
N GLY A 337 -4.60 1.54 -22.01
CA GLY A 337 -4.98 0.26 -21.45
C GLY A 337 -4.65 0.06 -19.98
N TYR A 338 -3.76 0.88 -19.40
CA TYR A 338 -3.42 0.72 -18.00
C TYR A 338 -4.46 1.45 -17.14
N LYS A 339 -4.33 1.34 -15.82
CA LYS A 339 -5.25 1.96 -14.88
C LYS A 339 -4.60 3.17 -14.20
N LEU A 340 -5.43 4.13 -13.80
CA LEU A 340 -4.95 5.17 -12.90
C LEU A 340 -4.75 4.60 -11.50
N SER A 341 -3.67 5.04 -10.86
CA SER A 341 -3.36 4.64 -9.48
C SER A 341 -3.39 5.87 -8.59
N ILE A 342 -4.10 5.77 -7.47
CA ILE A 342 -4.25 6.87 -6.51
C ILE A 342 -3.40 6.55 -5.30
N HIS A 343 -2.29 7.28 -5.13
CA HIS A 343 -1.48 7.13 -3.93
C HIS A 343 -1.95 8.09 -2.84
N SER A 344 -1.50 7.83 -1.60
CA SER A 344 -2.04 8.53 -0.43
C SER A 344 -3.55 8.56 -0.48
N GLY A 345 -4.14 7.44 -0.88
CA GLY A 345 -5.56 7.40 -1.20
C GLY A 345 -6.49 7.34 -0.01
N SEP A 346 -5.98 6.90 1.15
CA SEP A 346 -6.87 6.72 2.28
CB SEP A 346 -6.15 6.02 3.43
OG SEP A 346 -5.12 6.85 3.94
C SEP A 346 -7.41 8.07 2.73
O SEP A 346 -6.71 9.08 2.67
P SEP A 346 -3.63 6.23 3.74
O1P SEP A 346 -2.69 7.29 4.47
O2P SEP A 346 -3.31 6.14 2.18
O3P SEP A 346 -3.57 4.79 4.42
N ASP A 347 -8.68 8.04 3.13
CA ASP A 347 -9.39 9.19 3.70
C ASP A 347 -9.68 10.31 2.70
N LYS A 348 -9.45 10.04 1.42
CA LYS A 348 -9.72 11.01 0.36
C LYS A 348 -11.18 10.87 -0.11
N PHE A 349 -12.11 10.99 0.85
CA PHE A 349 -13.50 10.65 0.56
C PHE A 349 -14.09 11.54 -0.52
N SER A 350 -13.60 12.79 -0.61
CA SER A 350 -14.12 13.74 -1.59
C SER A 350 -13.82 13.37 -3.04
N VAL A 351 -12.85 12.49 -3.29
CA VAL A 351 -12.47 12.15 -4.66
C VAL A 351 -12.96 10.77 -5.10
N PHE A 352 -13.43 9.93 -4.17
CA PHE A 352 -13.62 8.53 -4.49
C PHE A 352 -14.73 8.31 -5.51
N ALA A 353 -15.87 8.99 -5.37
CA ALA A 353 -16.93 8.77 -6.35
C ALA A 353 -16.49 9.22 -7.74
N LEU A 354 -15.77 10.34 -7.80
CA LEU A 354 -15.22 10.81 -9.08
C LEU A 354 -14.28 9.77 -9.67
N VAL A 355 -13.38 9.21 -8.86
CA VAL A 355 -12.44 8.24 -9.38
C VAL A 355 -13.19 7.03 -9.93
N GLY A 356 -14.17 6.54 -9.17
CA GLY A 356 -14.93 5.39 -9.62
C GLY A 356 -15.68 5.67 -10.90
N ARG A 357 -16.28 6.85 -11.01
CA ARG A 357 -17.07 7.19 -12.19
C ARG A 357 -16.19 7.34 -13.43
N TYR A 358 -15.10 8.09 -13.32
CA TYR A 358 -14.32 8.38 -14.52
C TYR A 358 -13.48 7.20 -14.99
N THR A 359 -13.12 6.27 -14.10
CA THR A 359 -12.39 5.06 -14.48
C THR A 359 -13.32 3.88 -14.74
N ASN A 360 -14.63 4.09 -14.64
CA ASN A 360 -15.61 3.00 -14.77
C ASN A 360 -15.25 1.85 -13.84
N GLY A 361 -14.79 2.19 -12.63
CA GLY A 361 -14.50 1.18 -11.64
C GLY A 361 -13.18 0.46 -11.83
N ARG A 362 -12.36 0.89 -12.78
CA ARG A 362 -11.10 0.23 -13.13
C ARG A 362 -9.93 1.10 -12.66
N PHE A 363 -9.50 0.87 -11.42
CA PHE A 363 -8.54 1.76 -10.78
C PHE A 363 -7.68 0.93 -9.85
N HIS A 364 -6.61 1.56 -9.37
CA HIS A 364 -5.90 1.13 -8.18
C HIS A 364 -5.90 2.28 -7.19
N VAL A 365 -6.23 1.99 -5.92
CA VAL A 365 -6.13 2.96 -4.84
C VAL A 365 -5.24 2.35 -3.76
N LYS A 366 -4.27 3.13 -3.25
CA LYS A 366 -3.36 2.64 -2.22
C LYS A 366 -3.68 3.26 -0.87
N THR A 367 -3.66 2.42 0.16
CA THR A 367 -3.73 2.82 1.56
C THR A 367 -2.62 2.13 2.34
N ALA A 368 -2.28 2.70 3.49
CA ALA A 368 -1.39 2.02 4.43
C ALA A 368 -1.54 2.62 5.83
N GLY A 369 -1.17 3.89 5.99
CA GLY A 369 -1.16 4.49 7.31
C GLY A 369 -2.52 4.59 7.97
N THR A 370 -3.60 4.67 7.17
CA THR A 370 -4.93 4.75 7.77
C THR A 370 -5.25 3.49 8.56
N ASN A 371 -4.64 2.36 8.20
CA ASN A 371 -4.86 1.13 8.93
C ASN A 371 -4.12 1.13 10.26
N TRP A 372 -2.98 1.82 10.31
CA TRP A 372 -2.29 2.08 11.56
C TRP A 372 -3.10 3.07 12.42
N LEU A 373 -3.70 4.08 11.80
CA LEU A 373 -4.47 5.01 12.61
C LEU A 373 -5.71 4.36 13.21
N GLU A 374 -6.29 3.35 12.55
CA GLU A 374 -7.39 2.64 13.18
C GLU A 374 -6.93 1.84 14.39
N ALA A 375 -5.70 1.33 14.36
CA ALA A 375 -5.15 0.67 15.54
C ALA A 375 -4.93 1.67 16.67
N VAL A 376 -4.41 2.85 16.34
CA VAL A 376 -4.26 3.91 17.33
C VAL A 376 -5.61 4.28 17.92
N ARG A 377 -6.64 4.36 17.08
CA ARG A 377 -7.99 4.67 17.58
C ARG A 377 -8.45 3.63 18.60
N ILE A 378 -8.15 2.34 18.35
CA ILE A 378 -8.49 1.32 19.34
C ILE A 378 -7.78 1.59 20.66
N VAL A 379 -6.50 1.99 20.59
CA VAL A 379 -5.76 2.29 21.81
C VAL A 379 -6.39 3.48 22.54
N ALA A 380 -6.75 4.53 21.79
CA ALA A 380 -7.42 5.66 22.43
C ALA A 380 -8.70 5.23 23.14
N LYS A 381 -9.43 4.27 22.56
CA LYS A 381 -10.71 3.83 23.13
C LYS A 381 -10.55 2.89 24.31
N THR A 382 -9.53 2.04 24.30
CA THR A 382 -9.44 0.93 25.25
C THR A 382 -8.23 1.00 26.17
N ASN A 383 -7.24 1.82 25.86
CA ASN A 383 -6.03 1.94 26.68
C ASN A 383 -5.62 3.40 26.72
N PRO A 384 -6.46 4.26 27.30
CA PRO A 384 -6.19 5.71 27.23
C PRO A 384 -4.85 6.12 27.81
N GLY A 385 -4.39 5.44 28.87
CA GLY A 385 -3.07 5.77 29.41
C GLY A 385 -1.97 5.58 28.40
N LEU A 386 -2.06 4.51 27.60
CA LEU A 386 -1.07 4.29 26.55
C LEU A 386 -1.22 5.32 25.44
N TYR A 387 -2.46 5.63 25.05
CA TYR A 387 -2.66 6.64 24.02
C TYR A 387 -2.01 7.97 24.42
N ARG A 388 -2.26 8.42 25.65
CA ARG A 388 -1.69 9.70 26.10
C ARG A 388 -0.17 9.70 25.99
N ARG A 389 0.47 8.61 26.42
CA ARG A 389 1.92 8.55 26.34
C ARG A 389 2.40 8.58 24.89
N MET A 390 1.71 7.86 23.99
CA MET A 390 2.09 7.85 22.58
C MET A 390 1.86 9.21 21.93
N HIS A 391 0.72 9.84 22.22
CA HIS A 391 0.39 11.14 21.64
C HIS A 391 1.41 12.20 22.07
N GLN A 392 1.75 12.20 23.36
CA GLN A 392 2.72 13.18 23.87
C GLN A 392 4.09 12.97 23.25
N TYR A 393 4.51 11.70 23.10
CA TYR A 393 5.77 11.39 22.46
C TYR A 393 5.79 11.85 21.01
N ALA A 394 4.69 11.61 20.29
CA ALA A 394 4.58 12.09 18.92
C ALA A 394 4.74 13.61 18.85
N LEU A 395 4.10 14.33 19.76
CA LEU A 395 4.26 15.79 19.81
C LEU A 395 5.73 16.16 20.00
N GLU A 396 6.41 15.45 20.89
CA GLU A 396 7.78 15.80 21.22
C GLU A 396 8.76 15.51 20.09
N HIS A 397 8.42 14.59 19.18
CA HIS A 397 9.34 14.16 18.14
C HIS A 397 8.79 14.41 16.74
N PHE A 398 7.73 15.21 16.61
CA PHE A 398 7.06 15.39 15.33
C PHE A 398 8.01 15.88 14.24
N GLU A 399 8.90 16.82 14.58
CA GLU A 399 9.80 17.40 13.59
C GLU A 399 10.65 16.33 12.90
N GLU A 400 11.05 15.28 13.64
CA GLU A 400 11.84 14.22 13.02
C GLU A 400 11.06 13.50 11.93
N ALA A 401 9.74 13.38 12.11
CA ALA A 401 8.94 12.63 11.16
C ALA A 401 8.53 13.48 9.94
N THR A 402 8.41 14.80 10.11
CA THR A 402 8.11 15.65 8.96
C THR A 402 9.24 15.66 7.94
N ALA A 403 10.43 15.20 8.31
CA ALA A 403 11.50 15.06 7.34
C ALA A 403 11.21 13.96 6.31
N TYR A 404 10.33 13.00 6.64
CA TYR A 404 10.03 11.86 5.78
C TYR A 404 8.70 11.98 5.05
N TYR A 405 7.76 12.75 5.57
CA TYR A 405 6.45 12.90 4.97
C TYR A 405 6.13 14.38 4.92
N HIS A 406 5.68 14.86 3.76
CA HIS A 406 5.35 16.28 3.61
C HIS A 406 3.92 16.52 4.08
N VAL A 407 3.77 17.27 5.17
CA VAL A 407 2.46 17.61 5.71
C VAL A 407 2.46 19.09 6.09
N THR A 408 1.26 19.68 6.15
CA THR A 408 1.11 21.06 6.59
C THR A 408 0.39 21.14 7.94
N THR A 409 0.60 20.12 8.76
CA THR A 409 -0.04 20.01 10.07
C THR A 409 0.11 21.28 10.91
N ASN A 410 -1.01 21.71 11.49
CA ASN A 410 -0.99 22.82 12.43
C ASN A 410 -1.15 22.25 13.84
N LEU A 411 -0.04 22.10 14.54
CA LEU A 411 -0.09 21.61 15.92
C LEU A 411 -0.95 22.50 16.80
N ASN A 412 -1.07 23.79 16.48
CA ASN A 412 -1.88 24.70 17.29
C ASN A 412 -3.36 24.32 17.28
N ASN A 413 -3.80 23.49 16.33
CA ASN A 413 -5.20 23.05 16.30
C ASN A 413 -5.47 21.88 17.24
N ILE A 414 -4.44 21.26 17.79
CA ILE A 414 -4.60 20.04 18.57
C ILE A 414 -4.77 20.42 20.04
N ARG A 415 -5.89 20.01 20.65
CA ARG A 415 -6.13 20.30 22.06
C ARG A 415 -5.03 19.66 22.91
N PRO A 416 -4.54 20.37 23.94
CA PRO A 416 -3.58 19.74 24.86
C PRO A 416 -4.22 18.54 25.55
N LEU A 417 -3.39 17.51 25.76
CA LEU A 417 -3.89 16.27 26.36
C LEU A 417 -4.51 16.55 27.73
N ALA A 418 -3.95 17.49 28.48
CA ALA A 418 -4.49 17.85 29.78
C ALA A 418 -5.89 18.47 29.71
N ASP A 419 -6.35 18.85 28.52
CA ASP A 419 -7.67 19.45 28.34
C ASP A 419 -8.72 18.46 27.82
N VAL A 420 -8.37 17.20 27.63
CA VAL A 420 -9.28 16.22 27.07
C VAL A 420 -9.38 15.04 28.03
N SER A 421 -10.60 14.54 28.22
CA SER A 421 -10.81 13.43 29.12
C SER A 421 -10.51 12.12 28.41
N ASP A 422 -10.38 11.04 29.19
CA ASP A 422 -10.16 9.73 28.59
C ASP A 422 -11.25 9.39 27.58
N GLU A 423 -12.51 9.71 27.91
CA GLU A 423 -13.61 9.39 27.03
C GLU A 423 -13.52 10.16 25.72
N GLU A 424 -12.84 11.31 25.72
CA GLU A 424 -12.71 12.15 24.54
C GLU A 424 -11.48 11.84 23.70
N LEU A 425 -10.51 11.09 24.23
CA LEU A 425 -9.29 10.82 23.46
C LEU A 425 -9.56 10.27 22.06
N PRO A 426 -10.54 9.39 21.83
CA PRO A 426 -10.76 8.90 20.47
C PRO A 426 -11.13 9.98 19.46
N SER A 427 -11.65 11.12 19.92
CA SER A 427 -12.02 12.19 19.01
C SER A 427 -10.82 12.75 18.26
N TYR A 428 -9.62 12.62 18.82
CA TYR A 428 -8.42 13.04 18.10
C TYR A 428 -8.32 12.37 16.74
N MET A 429 -8.69 11.09 16.66
CA MET A 429 -8.52 10.35 15.41
C MET A 429 -9.59 10.69 14.38
N ASN A 430 -10.45 11.67 14.68
CA ASN A 430 -11.35 12.26 13.71
C ASN A 430 -10.91 13.63 13.23
N GLU A 431 -9.77 14.14 13.70
CA GLU A 431 -9.33 15.50 13.40
C GLU A 431 -8.14 15.50 12.45
N ASN A 432 -8.11 16.49 11.55
CA ASN A 432 -7.04 16.53 10.55
C ASN A 432 -5.66 16.52 11.21
N ASP A 433 -5.44 17.44 12.15
CA ASP A 433 -4.07 17.66 12.57
C ASP A 433 -3.58 16.53 13.48
N ALA A 434 -4.40 16.11 14.44
CA ALA A 434 -4.01 14.98 15.28
C ALA A 434 -3.82 13.70 14.45
N ARG A 435 -4.68 13.48 13.46
CA ARG A 435 -4.49 12.33 12.58
C ARG A 435 -3.12 12.37 11.91
N GLN A 436 -2.73 13.54 11.39
CA GLN A 436 -1.42 13.62 10.73
C GLN A 436 -0.29 13.42 11.73
N LEU A 437 -0.46 13.95 12.95
CA LEU A 437 0.55 13.80 13.99
C LEU A 437 0.84 12.34 14.25
N LEU A 438 -0.20 11.52 14.41
CA LEU A 438 -0.02 10.11 14.69
C LEU A 438 0.32 9.31 13.43
N HIS A 439 -0.16 9.74 12.27
CA HIS A 439 0.06 8.99 11.03
C HIS A 439 1.54 8.87 10.73
N ILE A 440 2.25 9.99 10.82
CA ILE A 440 3.61 10.11 10.30
C ILE A 440 4.65 9.68 11.33
N THR A 441 4.28 9.58 12.61
CA THR A 441 5.19 9.22 13.68
C THR A 441 5.15 7.72 14.00
N TYR A 442 4.56 6.90 13.12
CA TYR A 442 4.46 5.46 13.40
C TYR A 442 5.82 4.83 13.65
N GLY A 443 6.82 5.20 12.85
CA GLY A 443 8.13 4.58 12.99
C GLY A 443 8.81 4.99 14.28
N LEU A 444 8.78 6.29 14.60
CA LEU A 444 9.34 6.77 15.86
C LEU A 444 8.67 6.14 17.07
N LEU A 445 7.35 5.94 17.00
CA LEU A 445 6.64 5.36 18.12
C LEU A 445 6.93 3.87 18.26
N LEU A 446 6.88 3.15 17.14
CA LEU A 446 7.07 1.70 17.16
C LEU A 446 8.48 1.32 17.59
N GLN A 447 9.48 2.11 17.20
CA GLN A 447 10.86 1.79 17.53
C GLN A 447 11.34 2.45 18.80
N ALA A 448 10.50 3.22 19.48
CA ALA A 448 10.92 3.93 20.69
C ALA A 448 11.31 2.94 21.79
N LYS A 449 12.35 3.27 22.54
CA LYS A 449 12.83 2.38 23.60
C LYS A 449 13.08 3.16 24.87
N LYS A 450 13.10 2.41 25.98
CA LYS A 450 13.50 2.92 27.28
C LYS A 450 15.02 2.88 27.41
N ASP A 451 15.51 3.41 28.52
CA ASP A 451 16.95 3.47 28.74
C ASP A 451 17.58 2.09 28.85
N ASP A 452 16.81 1.07 29.20
CA ASP A 452 17.33 -0.29 29.29
C ASP A 452 17.20 -1.06 27.98
N GLY A 453 16.73 -0.41 26.92
CA GLY A 453 16.60 -1.06 25.63
C GLY A 453 15.26 -1.72 25.37
N SER A 454 14.42 -1.88 26.37
CA SER A 454 13.08 -2.44 26.16
C SER A 454 12.21 -1.44 25.42
N SER A 455 11.11 -1.93 24.85
CA SER A 455 10.25 -1.04 24.06
C SER A 455 9.51 -0.08 24.97
N LEU A 456 9.37 1.17 24.49
CA LEU A 456 8.66 2.18 25.25
C LEU A 456 7.15 2.05 25.07
N PHE A 457 6.70 1.77 23.85
CA PHE A 457 5.27 1.57 23.59
C PHE A 457 4.94 0.29 22.86
N ARG A 458 5.85 -0.29 22.09
CA ARG A 458 5.47 -1.25 21.07
C ARG A 458 4.87 -2.53 21.67
N ASP A 459 5.48 -3.06 22.73
CA ASP A 459 4.96 -4.30 23.30
C ASP A 459 3.56 -4.12 23.86
N GLU A 460 3.33 -3.04 24.62
CA GLU A 460 2.00 -2.81 25.15
C GLU A 460 1.00 -2.51 24.04
N PHE A 461 1.44 -1.81 22.99
CA PHE A 461 0.56 -1.53 21.85
C PHE A 461 0.03 -2.84 21.25
N PHE A 462 0.94 -3.78 20.95
CA PHE A 462 0.49 -5.02 20.34
C PHE A 462 -0.32 -5.86 21.32
N ARG A 463 -0.02 -5.74 22.62
CA ARG A 463 -0.82 -6.45 23.61
C ARG A 463 -2.26 -5.97 23.61
N THR A 464 -2.47 -4.65 23.57
CA THR A 464 -3.87 -4.19 23.55
C THR A 464 -4.53 -4.52 22.22
N LEU A 465 -3.79 -4.49 21.10
CA LEU A 465 -4.44 -4.79 19.83
C LEU A 465 -4.81 -6.26 19.72
N SER A 466 -4.02 -7.14 20.34
CA SER A 466 -4.41 -8.55 20.40
C SER A 466 -5.63 -8.76 21.28
N GLU A 467 -5.67 -8.10 22.46
CA GLU A 467 -6.83 -8.20 23.32
C GLU A 467 -8.08 -7.65 22.64
N ARG A 468 -7.93 -6.67 21.75
CA ARG A 468 -9.06 -6.04 21.09
C ARG A 468 -9.10 -6.39 19.60
N GLU A 469 -8.70 -7.62 19.28
CA GLU A 469 -8.66 -8.07 17.89
C GLU A 469 -10.02 -7.92 17.20
N GLU A 470 -11.10 -8.28 17.90
CA GLU A 470 -12.42 -8.16 17.27
C GLU A 470 -12.79 -6.71 17.05
N ASP A 471 -12.47 -5.83 17.99
CA ASP A 471 -12.75 -4.41 17.81
C ASP A 471 -11.96 -3.84 16.64
N TYR A 472 -10.68 -4.22 16.52
CA TYR A 472 -9.85 -3.69 15.43
C TYR A 472 -10.40 -4.13 14.09
N GLU A 473 -10.80 -5.39 13.97
CA GLU A 473 -11.30 -5.87 12.69
C GLU A 473 -12.65 -5.25 12.35
N ALA A 474 -13.49 -4.99 13.34
CA ALA A 474 -14.74 -4.28 13.07
C ALA A 474 -14.46 -2.87 12.59
N ALA A 475 -13.44 -2.24 13.16
CA ALA A 475 -13.07 -0.90 12.73
C ALA A 475 -12.55 -0.90 11.30
N LEU A 476 -11.73 -1.89 10.93
CA LEU A 476 -11.25 -1.95 9.55
C LEU A 476 -12.39 -2.20 8.58
N ARG A 477 -13.30 -3.13 8.92
CA ARG A 477 -14.45 -3.39 8.05
C ARG A 477 -15.23 -2.12 7.82
N SER A 478 -15.45 -1.33 8.87
CA SER A 478 -16.26 -0.12 8.74
C SER A 478 -15.51 0.94 7.95
N HIS A 479 -14.23 1.14 8.27
CA HIS A 479 -13.46 2.24 7.71
C HIS A 479 -13.06 1.97 6.27
N ILE A 480 -12.45 0.81 5.99
CA ILE A 480 -12.15 0.46 4.61
C ILE A 480 -13.43 0.22 3.82
N GLY A 481 -14.47 -0.32 4.48
CA GLY A 481 -15.74 -0.48 3.80
C GLY A 481 -16.26 0.83 3.25
N LYS A 482 -16.12 1.91 4.03
CA LYS A 482 -16.58 3.21 3.55
C LYS A 482 -15.79 3.67 2.33
N HIS A 483 -14.49 3.37 2.28
CA HIS A 483 -13.71 3.66 1.09
C HIS A 483 -14.29 2.94 -0.13
N LEU A 484 -14.52 1.64 0.01
CA LEU A 484 -15.02 0.85 -1.11
C LEU A 484 -16.40 1.30 -1.55
N ASP A 485 -17.28 1.61 -0.59
CA ASP A 485 -18.62 2.09 -0.89
C ASP A 485 -18.58 3.38 -1.71
N LEU A 486 -17.74 4.34 -1.30
CA LEU A 486 -17.70 5.61 -2.02
C LEU A 486 -17.00 5.48 -3.37
N LEU A 487 -16.08 4.52 -3.49
CA LEU A 487 -15.50 4.26 -4.81
C LEU A 487 -16.48 3.59 -5.75
N GLY A 488 -17.62 3.14 -5.26
CA GLY A 488 -18.58 2.45 -6.09
C GLY A 488 -18.34 0.97 -6.30
N VAL A 489 -17.52 0.35 -5.46
CA VAL A 489 -17.20 -1.07 -5.64
C VAL A 489 -18.45 -1.91 -5.44
N LYS A 490 -18.72 -2.78 -6.42
CA LYS A 490 -19.84 -3.72 -6.41
C LYS A 490 -21.19 -3.04 -6.45
C1 GOL B . 1.42 3.89 -0.06
O1 GOL B . 2.53 4.20 -0.88
C2 GOL B . 0.71 5.20 0.25
O2 GOL B . 0.52 5.93 -0.95
C3 GOL B . -0.65 4.94 0.88
O3 GOL B . -0.98 6.11 1.60
ZN ZN C . 3.25 7.21 -3.72
#